data_7QIF
#
_entry.id   7QIF
#
_cell.length_a   67.336
_cell.length_b   67.314
_cell.length_c   138.585
_cell.angle_alpha   90.000
_cell.angle_beta   90.000
_cell.angle_gamma   90.000
#
_symmetry.space_group_name_H-M   'P 21 21 21'
#
loop_
_entity.id
_entity.type
_entity.pdbx_description
1 polymer 'Proofreading exoribonuclease nsp14'
2 non-polymer "7-METHYL-GUANOSINE-5'-TRIPHOSPHATE-5'-GUANOSINE"
3 non-polymer 'ZINC ION'
4 non-polymer 'PHOSPHATE ION'
5 water water
#
_entity_poly.entity_id   1
_entity_poly.type   'polypeptide(L)'
_entity_poly.pdbx_seq_one_letter_code
;SMLFKDCSKVITGLHPTQAPTHLSVDTKFKTEGLCVDIPGIPKDMTYRRLISMMGFKMNYQVNGYPNMFITREEAIRHVR
AWIGFDVEGCHATREAVGTNLPLQLGFSTGVNLVAVPTGYVDTPNNTDFSRVSAKPPPGDQFKHLIPLMYKGLPWNVVRI
KIVQMLSDTLKNLSDRVVFVLWAHGFELTSMKYFVKIGPERTCCLCDRRATCFSTASDTYACWHHSIGFDYVYNPFMIDV
QQWGFTGNLQSNHDLYCQVHGNAHVASCDAIMTRCLAVHECFVKRVDWTIEYPIIGDELKINAACRKVQHMVVKAALLAD
KFPVLHDIGNPKAIKCVPQADVEWKFYDAQPCSDKAYKIEELFYSYATHSDKFTDGVCLFWNCNVDRYPANSIVCRFDTR
VLSNLNLPGCDGGSLYVNKHAFHTPAFDKSAFVNLKQLPFFYYSDSPCESHGKQVVSDIDYVPLKSATCITRCNLGGAVC
RHHANEYRLYLDAYNMMISAGFSLWVYKQFDTYNLWNTFTRLQ
;
_entity_poly.pdbx_strand_id   D
#
# COMPACT_ATOMS: atom_id res chain seq x y z
N PRO A 20 8.31 -11.72 -24.05
CA PRO A 20 7.06 -11.04 -23.67
C PRO A 20 7.15 -10.38 -22.30
N THR A 21 8.35 -10.30 -21.73
CA THR A 21 8.53 -9.69 -20.43
C THR A 21 8.44 -8.16 -20.52
N HIS A 22 9.35 -7.55 -21.26
CA HIS A 22 9.40 -6.10 -21.37
C HIS A 22 8.54 -5.59 -22.53
N LEU A 23 8.23 -4.30 -22.48
CA LEU A 23 7.47 -3.65 -23.54
C LEU A 23 8.38 -3.41 -24.74
N SER A 24 8.04 -3.99 -25.88
CA SER A 24 8.84 -3.81 -27.09
C SER A 24 8.86 -2.34 -27.47
N VAL A 25 10.06 -1.83 -27.77
CA VAL A 25 10.21 -0.43 -28.14
C VAL A 25 9.59 -0.11 -29.50
N ASP A 26 9.24 -1.14 -30.27
CA ASP A 26 8.56 -0.95 -31.55
C ASP A 26 7.04 -1.07 -31.42
N THR A 27 6.53 -1.18 -30.20
CA THR A 27 5.08 -1.18 -29.99
C THR A 27 4.51 0.19 -30.32
N LYS A 28 3.30 0.20 -30.88
CA LYS A 28 2.69 1.46 -31.30
C LYS A 28 2.26 2.28 -30.08
N PHE A 29 2.28 3.60 -30.26
CA PHE A 29 1.92 4.55 -29.21
C PHE A 29 0.89 5.52 -29.77
N LYS A 30 -0.30 5.53 -29.18
CA LYS A 30 -1.37 6.42 -29.64
C LYS A 30 -1.03 7.85 -29.25
N THR A 31 -0.93 8.73 -30.25
CA THR A 31 -0.48 10.10 -30.05
C THR A 31 -1.61 11.12 -30.12
N GLU A 32 -2.87 10.67 -30.14
CA GLU A 32 -3.97 11.62 -30.24
C GLU A 32 -4.05 12.51 -29.01
N GLY A 33 -3.75 11.97 -27.83
CA GLY A 33 -3.70 12.78 -26.62
C GLY A 33 -2.53 13.75 -26.57
N LEU A 34 -1.60 13.66 -27.53
CA LEU A 34 -0.44 14.54 -27.55
C LEU A 34 -0.56 15.67 -28.56
N CYS A 35 -1.56 15.65 -29.43
CA CYS A 35 -1.58 16.57 -30.55
C CYS A 35 -2.05 17.97 -30.19
N VAL A 36 -2.39 18.22 -28.93
CA VAL A 36 -2.74 19.57 -28.49
C VAL A 36 -1.49 20.34 -28.05
N ASP A 37 -0.67 19.72 -27.20
CA ASP A 37 0.63 20.31 -26.89
C ASP A 37 1.60 20.21 -28.06
N ILE A 38 1.46 19.16 -28.87
CA ILE A 38 2.36 18.93 -30.00
C ILE A 38 1.53 18.81 -31.26
N PRO A 39 1.12 19.92 -31.89
CA PRO A 39 0.27 19.82 -33.08
C PRO A 39 1.04 19.28 -34.27
N GLY A 40 0.38 18.42 -35.03
CA GLY A 40 1.01 17.79 -36.17
C GLY A 40 1.78 16.52 -35.84
N ILE A 41 1.63 16.00 -34.64
CA ILE A 41 2.36 14.78 -34.24
C ILE A 41 1.86 13.61 -35.08
N PRO A 42 2.73 12.72 -35.53
CA PRO A 42 2.27 11.62 -36.39
C PRO A 42 1.30 10.71 -35.67
N LYS A 43 0.29 10.25 -36.41
CA LYS A 43 -0.64 9.27 -35.85
C LYS A 43 0.04 7.92 -35.69
N ASP A 44 0.85 7.52 -36.66
CA ASP A 44 1.64 6.30 -36.57
C ASP A 44 2.92 6.61 -35.80
N MET A 45 3.06 6.00 -34.62
CA MET A 45 4.19 6.30 -33.76
C MET A 45 4.49 5.08 -32.89
N THR A 46 5.77 4.74 -32.76
CA THR A 46 6.22 3.69 -31.87
C THR A 46 6.94 4.32 -30.67
N TYR A 47 7.22 3.47 -29.68
CA TYR A 47 7.99 3.95 -28.53
C TYR A 47 9.42 4.27 -28.92
N ARG A 48 9.96 3.59 -29.93
CA ARG A 48 11.31 3.88 -30.39
C ARG A 48 11.40 5.28 -30.96
N ARG A 49 10.44 5.65 -31.81
CA ARG A 49 10.38 7.00 -32.36
C ARG A 49 9.96 8.03 -31.32
N LEU A 50 9.24 7.62 -30.27
CA LEU A 50 8.83 8.56 -29.23
C LEU A 50 9.98 8.90 -28.29
N ILE A 51 10.75 7.88 -27.87
CA ILE A 51 11.87 8.11 -26.96
C ILE A 51 12.91 8.99 -27.63
N SER A 52 13.17 8.75 -28.92
CA SER A 52 14.07 9.63 -29.66
C SER A 52 13.50 11.04 -29.76
N MET A 53 12.19 11.15 -29.94
CA MET A 53 11.57 12.47 -30.02
C MET A 53 11.73 13.24 -28.72
N MET A 54 11.68 12.54 -27.58
CA MET A 54 11.82 13.17 -26.27
C MET A 54 13.24 13.64 -25.98
N GLY A 55 14.19 13.38 -26.87
CA GLY A 55 15.55 13.82 -26.68
C GLY A 55 16.50 12.80 -26.10
N PHE A 56 16.15 11.52 -26.09
CA PHE A 56 16.99 10.47 -25.55
C PHE A 56 17.44 9.54 -26.67
N LYS A 57 18.58 8.88 -26.44
CA LYS A 57 19.18 7.97 -27.42
C LYS A 57 19.45 6.64 -26.75
N MET A 58 18.94 5.55 -27.35
CA MET A 58 19.16 4.22 -26.81
C MET A 58 20.46 3.58 -27.30
N ASN A 59 21.03 4.09 -28.40
CA ASN A 59 22.35 3.69 -28.91
C ASN A 59 22.45 2.20 -29.16
N TYR A 60 21.32 1.52 -29.40
CA TYR A 60 21.29 0.07 -29.58
C TYR A 60 21.92 -0.64 -28.39
N GLN A 61 21.12 -0.88 -27.35
CA GLN A 61 21.65 -1.31 -26.06
C GLN A 61 20.89 -2.54 -25.56
N VAL A 62 21.62 -3.45 -24.93
CA VAL A 62 21.05 -4.62 -24.27
C VAL A 62 21.59 -4.70 -22.85
N ASN A 63 21.64 -3.56 -22.16
CA ASN A 63 22.22 -3.50 -20.83
C ASN A 63 21.17 -3.26 -19.77
N GLY A 64 20.11 -4.07 -19.78
CA GLY A 64 19.10 -4.07 -18.74
C GLY A 64 18.10 -2.93 -18.79
N TYR A 65 18.18 -2.05 -19.78
CA TYR A 65 17.27 -0.91 -19.90
C TYR A 65 16.71 -0.89 -21.33
N PRO A 66 15.81 -1.82 -21.65
CA PRO A 66 15.33 -1.91 -23.04
C PRO A 66 14.33 -0.83 -23.43
N ASN A 67 13.64 -0.22 -22.48
CA ASN A 67 12.59 0.74 -22.81
C ASN A 67 12.35 1.64 -21.60
N MET A 68 12.17 2.94 -21.86
CA MET A 68 11.78 3.86 -20.79
C MET A 68 10.35 3.59 -20.32
N PHE A 69 9.50 3.07 -21.20
CA PHE A 69 8.13 2.74 -20.86
C PHE A 69 8.01 1.26 -20.55
N ILE A 70 7.11 0.93 -19.63
CA ILE A 70 6.95 -0.43 -19.15
C ILE A 70 5.53 -0.90 -19.41
N THR A 71 5.33 -2.21 -19.32
CA THR A 71 4.03 -2.81 -19.57
C THR A 71 3.10 -2.55 -18.39
N ARG A 72 1.82 -2.88 -18.60
CA ARG A 72 0.84 -2.83 -17.52
C ARG A 72 1.17 -3.86 -16.44
N GLU A 73 1.63 -5.04 -16.86
CA GLU A 73 1.98 -6.08 -15.89
C GLU A 73 3.24 -5.71 -15.11
N GLU A 74 4.25 -5.16 -15.79
CA GLU A 74 5.48 -4.78 -15.12
C GLU A 74 5.25 -3.61 -14.16
N ALA A 75 4.32 -2.70 -14.49
CA ALA A 75 4.01 -1.59 -13.60
C ALA A 75 3.34 -2.07 -12.32
N ILE A 76 2.52 -3.12 -12.40
CA ILE A 76 1.84 -3.62 -11.22
C ILE A 76 2.84 -4.25 -10.25
N ARG A 77 3.86 -4.94 -10.77
CA ARG A 77 4.87 -5.51 -9.90
C ARG A 77 5.75 -4.44 -9.25
N HIS A 78 5.76 -3.23 -9.79
CA HIS A 78 6.51 -2.11 -9.22
C HIS A 78 5.59 -0.98 -8.81
N VAL A 79 4.48 -1.32 -8.14
CA VAL A 79 3.52 -0.30 -7.75
C VAL A 79 4.09 0.60 -6.66
N ARG A 80 4.99 0.08 -5.83
CA ARG A 80 5.60 0.88 -4.78
C ARG A 80 6.41 2.04 -5.34
N ALA A 81 6.84 1.95 -6.60
CA ALA A 81 7.61 3.00 -7.24
C ALA A 81 6.74 3.96 -8.04
N TRP A 82 5.43 3.84 -7.98
CA TRP A 82 4.56 4.70 -8.76
C TRP A 82 4.58 6.12 -8.20
N ILE A 83 4.85 7.09 -9.07
CA ILE A 83 4.79 8.51 -8.74
C ILE A 83 4.05 9.20 -9.87
N GLY A 84 2.84 9.67 -9.60
CA GLY A 84 2.11 10.42 -10.61
C GLY A 84 2.88 11.67 -11.01
N PHE A 85 2.86 11.97 -12.30
CA PHE A 85 3.65 13.07 -12.85
C PHE A 85 2.84 13.78 -13.92
N ASP A 86 2.76 15.11 -13.80
CA ASP A 86 2.04 15.92 -14.77
C ASP A 86 2.72 17.29 -14.87
N VAL A 87 2.74 17.84 -16.08
CA VAL A 87 3.33 19.14 -16.35
C VAL A 87 2.28 19.98 -17.06
N GLU A 88 2.07 21.20 -16.57
CA GLU A 88 1.10 22.13 -17.14
C GLU A 88 1.80 23.42 -17.53
N GLY A 89 1.44 23.94 -18.70
CA GLY A 89 1.95 25.22 -19.14
C GLY A 89 1.47 26.35 -18.26
N CYS A 90 2.38 26.97 -17.50
CA CYS A 90 1.98 27.98 -16.53
C CYS A 90 1.55 29.27 -17.20
N HIS A 91 2.09 29.57 -18.38
CA HIS A 91 1.73 30.79 -19.11
C HIS A 91 1.78 30.56 -20.62
N GLY A 98 6.87 25.42 -23.33
CA GLY A 98 7.48 25.26 -24.63
C GLY A 98 8.70 26.13 -24.85
N THR A 99 9.69 25.96 -23.98
CA THR A 99 10.98 26.64 -24.05
C THR A 99 10.87 28.16 -23.85
N ASN A 100 9.71 28.72 -24.21
CA ASN A 100 9.47 30.15 -24.06
C ASN A 100 8.58 30.50 -22.87
N LEU A 101 7.95 29.51 -22.25
CA LEU A 101 7.04 29.74 -21.14
C LEU A 101 7.41 28.87 -19.95
N PRO A 102 7.06 29.29 -18.74
CA PRO A 102 7.33 28.47 -17.56
C PRO A 102 6.47 27.22 -17.55
N LEU A 103 6.94 26.21 -16.82
CA LEU A 103 6.27 24.92 -16.71
C LEU A 103 6.05 24.59 -15.24
N GLN A 104 4.85 24.11 -14.92
CA GLN A 104 4.50 23.70 -13.57
C GLN A 104 4.62 22.18 -13.48
N LEU A 105 5.55 21.70 -12.67
CA LEU A 105 5.79 20.28 -12.49
C LEU A 105 5.01 19.79 -11.29
N GLY A 106 4.16 18.80 -11.50
CA GLY A 106 3.33 18.25 -10.43
C GLY A 106 3.66 16.78 -10.20
N PHE A 107 3.67 16.39 -8.93
CA PHE A 107 3.95 15.01 -8.55
C PHE A 107 2.89 14.52 -7.58
N SER A 108 2.64 13.21 -7.59
CA SER A 108 1.62 12.62 -6.73
C SER A 108 1.94 12.75 -5.25
N THR A 109 3.15 13.22 -4.90
CA THR A 109 3.47 13.56 -3.52
C THR A 109 2.84 14.87 -3.09
N GLY A 110 2.15 15.58 -3.99
CA GLY A 110 1.55 16.86 -3.67
C GLY A 110 2.46 18.05 -3.88
N VAL A 111 3.65 17.86 -4.44
CA VAL A 111 4.62 18.92 -4.64
C VAL A 111 4.42 19.53 -6.02
N ASN A 112 4.49 20.86 -6.09
CA ASN A 112 4.41 21.59 -7.36
C ASN A 112 5.66 22.43 -7.52
N LEU A 113 6.40 22.19 -8.60
CA LEU A 113 7.62 22.91 -8.91
C LEU A 113 7.43 23.67 -10.21
N VAL A 114 7.89 24.92 -10.24
CA VAL A 114 7.81 25.77 -11.43
C VAL A 114 9.23 25.94 -11.97
N ALA A 115 9.42 25.53 -13.23
CA ALA A 115 10.72 25.62 -13.89
C ALA A 115 10.67 26.73 -14.94
N VAL A 116 11.69 27.58 -14.95
CA VAL A 116 11.78 28.67 -15.92
C VAL A 116 12.99 28.45 -16.82
N PRO A 117 12.93 28.86 -18.09
CA PRO A 117 14.08 28.65 -18.98
C PRO A 117 15.05 29.82 -18.96
N THR A 118 15.11 30.55 -17.85
CA THR A 118 15.97 31.73 -17.74
C THR A 118 17.45 31.36 -17.85
N PRO A 147 -0.27 19.95 -1.93
CA PRO A 147 -0.90 21.28 -1.94
C PRO A 147 0.12 22.42 -1.90
N LEU A 148 1.39 22.08 -1.74
CA LEU A 148 2.44 23.08 -1.63
C LEU A 148 2.88 23.55 -3.01
N MET A 149 3.08 24.87 -3.14
CA MET A 149 3.53 25.50 -4.37
C MET A 149 4.83 26.23 -4.13
N TYR A 150 5.77 26.09 -5.06
CA TYR A 150 7.06 26.76 -5.00
C TYR A 150 7.20 27.71 -6.17
N LYS A 151 7.97 28.78 -5.95
CA LYS A 151 8.14 29.80 -6.97
C LYS A 151 8.99 29.28 -8.13
N GLY A 152 9.00 30.03 -9.22
CA GLY A 152 9.72 29.61 -10.41
C GLY A 152 11.23 29.69 -10.22
N LEU A 153 11.92 28.66 -10.70
CA LEU A 153 13.38 28.53 -10.57
C LEU A 153 13.91 27.83 -11.81
N PRO A 154 15.16 28.11 -12.20
CA PRO A 154 15.71 27.46 -13.41
C PRO A 154 15.90 25.97 -13.20
N TRP A 155 16.11 25.27 -14.32
CA TRP A 155 16.15 23.82 -14.30
C TRP A 155 17.31 23.27 -13.48
N ASN A 156 18.45 23.98 -13.46
CA ASN A 156 19.61 23.45 -12.75
C ASN A 156 19.39 23.32 -11.25
N VAL A 157 18.43 24.06 -10.69
CA VAL A 157 18.08 23.88 -9.28
C VAL A 157 16.78 23.13 -9.09
N VAL A 158 15.90 23.11 -10.10
CA VAL A 158 14.68 22.31 -10.00
C VAL A 158 15.01 20.82 -9.99
N ARG A 159 15.96 20.40 -10.83
CA ARG A 159 16.32 18.99 -10.92
C ARG A 159 16.93 18.48 -9.62
N ILE A 160 17.55 19.37 -8.83
CA ILE A 160 18.10 18.96 -7.54
C ILE A 160 16.98 18.64 -6.57
N LYS A 161 15.92 19.45 -6.56
CA LYS A 161 14.77 19.18 -5.70
C LYS A 161 14.07 17.89 -6.10
N ILE A 162 14.00 17.60 -7.40
CA ILE A 162 13.32 16.40 -7.87
C ILE A 162 14.05 15.15 -7.38
N VAL A 163 15.38 15.14 -7.46
CA VAL A 163 16.14 13.99 -6.98
C VAL A 163 15.94 13.81 -5.47
N GLN A 164 15.94 14.92 -4.72
CA GLN A 164 15.74 14.83 -3.28
C GLN A 164 14.33 14.36 -2.95
N MET A 165 13.33 14.88 -3.65
CA MET A 165 11.94 14.52 -3.35
C MET A 165 11.65 13.06 -3.67
N LEU A 166 12.13 12.58 -4.81
CA LEU A 166 11.90 11.18 -5.18
C LEU A 166 12.66 10.23 -4.27
N SER A 167 13.89 10.61 -3.89
CA SER A 167 14.69 9.73 -3.05
C SER A 167 14.07 9.54 -1.67
N ASP A 168 13.61 10.62 -1.04
CA ASP A 168 13.00 10.50 0.28
C ASP A 168 11.71 9.70 0.23
N THR A 169 11.04 9.69 -0.92
CA THR A 169 9.77 8.98 -1.03
C THR A 169 9.97 7.49 -1.26
N LEU A 170 10.97 7.11 -2.06
CA LEU A 170 11.07 5.76 -2.57
C LEU A 170 12.21 4.94 -1.96
N LYS A 171 13.05 5.54 -1.11
CA LYS A 171 14.23 4.81 -0.65
C LYS A 171 13.86 3.59 0.18
N ASN A 172 12.76 3.67 0.93
CA ASN A 172 12.30 2.54 1.72
C ASN A 172 11.14 1.80 1.07
N LEU A 173 10.94 1.99 -0.24
CA LEU A 173 9.81 1.40 -0.94
C LEU A 173 10.23 0.54 -2.13
N SER A 174 11.00 1.09 -3.06
CA SER A 174 11.33 0.39 -4.30
C SER A 174 12.75 0.74 -4.72
N ASP A 175 13.25 0.01 -5.72
CA ASP A 175 14.57 0.22 -6.27
C ASP A 175 14.56 1.10 -7.52
N ARG A 176 13.42 1.71 -7.84
CA ARG A 176 13.26 2.47 -9.07
C ARG A 176 12.14 3.48 -8.89
N VAL A 177 11.76 4.14 -9.97
CA VAL A 177 10.64 5.07 -9.99
C VAL A 177 9.84 4.83 -11.27
N VAL A 178 8.53 4.77 -11.14
CA VAL A 178 7.62 4.55 -12.28
C VAL A 178 6.75 5.79 -12.38
N PHE A 179 7.05 6.66 -13.35
CA PHE A 179 6.30 7.89 -13.54
C PHE A 179 4.96 7.56 -14.20
N VAL A 180 3.88 7.65 -13.43
CA VAL A 180 2.55 7.41 -13.95
C VAL A 180 2.08 8.69 -14.66
N LEU A 181 1.71 8.56 -15.93
CA LEU A 181 1.42 9.71 -16.78
C LEU A 181 0.04 9.60 -17.41
N TRP A 182 -0.65 10.73 -17.47
CA TRP A 182 -1.74 10.94 -18.42
C TRP A 182 -1.23 11.87 -19.51
N ALA A 183 -0.37 11.31 -20.36
CA ALA A 183 0.52 12.11 -21.20
C ALA A 183 -0.25 12.94 -22.20
N HIS A 184 0.10 14.22 -22.28
CA HIS A 184 -0.43 15.12 -23.30
C HIS A 184 0.64 15.88 -24.07
N GLY A 185 1.91 15.76 -23.69
CA GLY A 185 2.97 16.39 -24.45
C GLY A 185 4.09 16.98 -23.63
N PHE A 186 3.76 17.95 -22.76
CA PHE A 186 4.79 18.74 -22.10
C PHE A 186 5.56 17.92 -21.06
N GLU A 187 4.93 16.91 -20.46
CA GLU A 187 5.63 16.13 -19.45
C GLU A 187 6.66 15.18 -20.05
N LEU A 188 6.43 14.72 -21.29
CA LEU A 188 7.42 13.89 -21.95
C LEU A 188 8.58 14.72 -22.50
N THR A 189 8.28 15.93 -22.98
CA THR A 189 9.31 16.78 -23.54
C THR A 189 10.14 17.51 -22.49
N SER A 190 9.70 17.51 -21.23
CA SER A 190 10.43 18.16 -20.16
C SER A 190 11.36 17.23 -19.40
N MET A 191 11.30 15.91 -19.67
CA MET A 191 12.14 14.98 -18.94
C MET A 191 13.61 15.14 -19.28
N LYS A 192 13.92 15.61 -20.49
CA LYS A 192 15.32 15.79 -20.89
C LYS A 192 16.06 16.75 -19.97
N TYR A 193 15.34 17.56 -19.20
CA TYR A 193 15.96 18.54 -18.32
C TYR A 193 16.28 17.99 -16.94
N PHE A 194 15.81 16.79 -16.61
CA PHE A 194 16.15 16.21 -15.32
C PHE A 194 16.28 14.69 -15.37
N VAL A 195 16.30 14.06 -16.55
CA VAL A 195 16.41 12.62 -16.68
C VAL A 195 17.60 12.30 -17.58
N LYS A 196 18.43 11.36 -17.14
CA LYS A 196 19.52 10.82 -17.95
C LYS A 196 19.42 9.30 -17.96
N ILE A 197 19.56 8.71 -19.14
CA ILE A 197 19.44 7.27 -19.31
C ILE A 197 20.78 6.69 -19.73
N GLY A 198 20.87 5.36 -19.66
CA GLY A 198 22.07 4.65 -20.02
C GLY A 198 22.00 3.20 -19.58
N PRO A 199 23.15 2.54 -19.54
CA PRO A 199 23.17 1.14 -19.08
C PRO A 199 22.85 1.04 -17.60
N GLU A 200 22.31 -0.10 -17.22
CA GLU A 200 22.00 -0.36 -15.82
C GLU A 200 23.29 -0.38 -15.00
N ARG A 201 23.29 0.34 -13.89
CA ARG A 201 24.46 0.48 -13.05
C ARG A 201 24.09 0.17 -11.60
N THR A 202 25.13 0.10 -10.76
CA THR A 202 24.97 -0.05 -9.32
C THR A 202 25.42 1.21 -8.62
N CYS A 203 24.97 1.36 -7.38
CA CYS A 203 25.33 2.54 -6.59
C CYS A 203 26.83 2.57 -6.33
N CYS A 204 27.37 3.78 -6.16
CA CYS A 204 28.78 3.93 -5.85
C CYS A 204 29.09 3.70 -4.37
N LEU A 205 28.06 3.62 -3.52
CA LEU A 205 28.24 3.38 -2.10
C LEU A 205 27.62 2.08 -1.60
N CYS A 206 26.91 1.35 -2.45
CA CYS A 206 26.34 0.06 -2.08
C CYS A 206 26.14 -0.75 -3.37
N ASP A 207 25.41 -1.85 -3.27
CA ASP A 207 25.17 -2.72 -4.41
C ASP A 207 23.75 -2.63 -4.93
N ARG A 208 22.98 -1.64 -4.48
CA ARG A 208 21.67 -1.39 -5.09
C ARG A 208 21.86 -0.80 -6.48
N ARG A 209 20.83 -0.92 -7.32
CA ARG A 209 20.90 -0.34 -8.64
C ARG A 209 20.88 1.18 -8.55
N ALA A 210 21.48 1.84 -9.53
CA ALA A 210 21.58 3.29 -9.54
C ALA A 210 20.29 3.91 -10.02
N THR A 211 19.77 4.87 -9.27
CA THR A 211 18.59 5.63 -9.64
C THR A 211 18.85 7.11 -9.87
N CYS A 212 20.04 7.60 -9.51
CA CYS A 212 20.36 9.01 -9.65
C CYS A 212 21.76 9.15 -10.25
N PHE A 213 22.03 10.34 -10.78
CA PHE A 213 23.33 10.67 -11.34
C PHE A 213 23.71 12.09 -10.95
N SER A 214 24.99 12.31 -10.72
CA SER A 214 25.52 13.62 -10.33
C SER A 214 26.48 14.12 -11.40
N THR A 215 26.21 15.32 -11.92
CA THR A 215 27.14 15.95 -12.84
C THR A 215 28.34 16.55 -12.14
N ALA A 216 28.27 16.76 -10.83
CA ALA A 216 29.41 17.31 -10.09
C ALA A 216 30.52 16.28 -9.96
N SER A 217 30.17 15.05 -9.55
CA SER A 217 31.15 14.01 -9.30
C SER A 217 31.22 12.95 -10.39
N ASP A 218 30.31 12.99 -11.36
CA ASP A 218 30.25 12.00 -12.44
C ASP A 218 30.13 10.59 -11.86
N THR A 219 29.29 10.44 -10.84
CA THR A 219 29.05 9.17 -10.17
C THR A 219 27.56 8.89 -10.11
N TYR A 220 27.23 7.67 -9.70
CA TYR A 220 25.86 7.20 -9.65
C TYR A 220 25.52 6.74 -8.23
N ALA A 221 24.22 6.76 -7.92
CA ALA A 221 23.78 6.39 -6.58
C ALA A 221 22.34 5.92 -6.63
N CYS A 222 21.95 5.20 -5.59
CA CYS A 222 20.58 4.75 -5.41
C CYS A 222 19.79 5.83 -4.67
N TRP A 223 18.57 5.50 -4.23
CA TRP A 223 17.77 6.49 -3.51
C TRP A 223 18.38 6.82 -2.15
N HIS A 224 19.15 5.90 -1.57
CA HIS A 224 19.63 6.09 -0.21
C HIS A 224 20.83 7.04 -0.14
N HIS A 225 21.61 7.15 -1.20
CA HIS A 225 22.86 7.89 -1.19
C HIS A 225 22.88 8.97 -2.27
N SER A 226 21.75 9.61 -2.51
CA SER A 226 21.59 10.56 -3.60
C SER A 226 21.72 12.01 -3.17
N ILE A 227 22.22 12.27 -1.95
CA ILE A 227 22.35 13.64 -1.47
C ILE A 227 23.33 14.39 -2.36
N GLY A 228 22.86 15.49 -2.96
CA GLY A 228 23.66 16.28 -3.85
C GLY A 228 23.58 15.91 -5.31
N PHE A 229 22.93 14.79 -5.64
CA PHE A 229 22.77 14.39 -7.03
C PHE A 229 21.67 15.22 -7.70
N ASP A 230 21.81 15.39 -9.02
CA ASP A 230 20.95 16.33 -9.75
C ASP A 230 20.14 15.71 -10.89
N TYR A 231 20.37 14.44 -11.24
CA TYR A 231 19.67 13.83 -12.36
C TYR A 231 19.08 12.49 -11.96
N VAL A 232 17.85 12.23 -12.41
CA VAL A 232 17.23 10.93 -12.24
C VAL A 232 17.76 10.00 -13.32
N TYR A 233 18.33 8.87 -12.92
CA TYR A 233 18.98 7.96 -13.83
C TYR A 233 18.12 6.72 -14.08
N ASN A 234 17.91 6.40 -15.35
CA ASN A 234 17.13 5.24 -15.78
C ASN A 234 15.79 5.12 -15.03
N PRO A 235 14.88 6.07 -15.23
CA PRO A 235 13.54 5.93 -14.66
C PRO A 235 12.64 5.15 -15.61
N PHE A 236 11.51 4.71 -15.07
CA PHE A 236 10.49 4.03 -15.85
C PHE A 236 9.21 4.86 -15.82
N MET A 237 8.33 4.59 -16.77
CA MET A 237 7.12 5.38 -16.90
C MET A 237 6.07 4.57 -17.65
N ILE A 238 4.83 5.03 -17.55
CA ILE A 238 3.71 4.39 -18.23
C ILE A 238 2.62 5.43 -18.44
N ASP A 239 2.04 5.43 -19.63
CA ASP A 239 0.98 6.38 -19.99
C ASP A 239 -0.37 5.68 -19.83
N VAL A 240 -1.13 6.10 -18.82
CA VAL A 240 -2.44 5.51 -18.57
C VAL A 240 -3.36 5.72 -19.76
N GLN A 241 -3.21 6.86 -20.45
CA GLN A 241 -4.08 7.16 -21.58
C GLN A 241 -3.96 6.13 -22.69
N GLN A 242 -2.88 5.35 -22.72
CA GLN A 242 -2.72 4.31 -23.72
C GLN A 242 -3.59 3.09 -23.45
N TRP A 243 -4.24 3.02 -22.29
CA TRP A 243 -5.04 1.86 -21.92
C TRP A 243 -6.43 1.87 -22.55
N GLY A 244 -6.76 2.87 -23.36
CA GLY A 244 -8.02 2.90 -24.06
C GLY A 244 -9.16 3.44 -23.24
N PHE A 245 -9.08 4.71 -22.88
CA PHE A 245 -10.13 5.40 -22.15
C PHE A 245 -10.88 6.36 -23.06
N THR A 246 -12.08 6.74 -22.63
CA THR A 246 -12.88 7.75 -23.32
C THR A 246 -13.07 8.94 -22.39
N GLY A 247 -12.79 10.13 -22.91
CA GLY A 247 -12.86 11.34 -22.11
C GLY A 247 -11.49 11.73 -21.56
N ASN A 248 -11.50 12.77 -20.74
CA ASN A 248 -10.28 13.32 -20.19
C ASN A 248 -9.96 12.65 -18.85
N LEU A 249 -8.98 13.20 -18.14
CA LEU A 249 -8.50 12.58 -16.91
C LEU A 249 -9.53 12.71 -15.79
N GLN A 250 -10.09 13.92 -15.61
CA GLN A 250 -11.01 14.14 -14.49
C GLN A 250 -12.28 13.32 -14.63
N SER A 251 -12.83 13.25 -15.85
CA SER A 251 -14.07 12.50 -16.03
C SER A 251 -13.87 11.02 -15.74
N ASN A 252 -12.71 10.48 -16.10
CA ASN A 252 -12.45 9.07 -15.85
C ASN A 252 -12.10 8.82 -14.38
N HIS A 253 -11.34 9.73 -13.76
CA HIS A 253 -10.99 9.56 -12.36
C HIS A 253 -12.23 9.67 -11.46
N ASP A 254 -13.09 10.65 -11.73
CA ASP A 254 -14.25 10.90 -10.87
C ASP A 254 -15.31 9.82 -10.96
N LEU A 255 -15.20 8.90 -11.92
CA LEU A 255 -16.15 7.79 -11.97
C LEU A 255 -15.99 6.85 -10.78
N TYR A 256 -14.80 6.80 -10.18
CA TYR A 256 -14.51 5.84 -9.13
C TYR A 256 -14.01 6.47 -7.84
N CYS A 257 -13.67 7.75 -7.83
CA CYS A 257 -13.09 8.39 -6.65
C CYS A 257 -13.72 9.76 -6.44
N GLN A 258 -14.07 10.06 -5.19
CA GLN A 258 -14.61 11.35 -4.80
C GLN A 258 -13.70 12.09 -3.84
N VAL A 259 -12.56 11.51 -3.47
CA VAL A 259 -11.68 12.14 -2.48
C VAL A 259 -10.72 13.14 -3.13
N HIS A 260 -10.21 12.83 -4.32
CA HIS A 260 -9.26 13.71 -5.01
C HIS A 260 -10.04 14.67 -5.91
N GLY A 261 -10.00 15.95 -5.57
CA GLY A 261 -10.59 16.98 -6.40
C GLY A 261 -9.66 17.39 -7.52
N ASN A 262 -10.02 18.49 -8.17
CA ASN A 262 -9.22 19.06 -9.26
C ASN A 262 -9.15 20.57 -9.05
N ALA A 263 -8.10 21.02 -8.35
CA ALA A 263 -7.84 22.44 -8.17
C ALA A 263 -7.14 23.08 -9.36
N HIS A 264 -7.11 22.39 -10.50
CA HIS A 264 -6.45 22.88 -11.71
C HIS A 264 -4.98 23.21 -11.47
N VAL A 265 -4.32 22.39 -10.65
CA VAL A 265 -2.88 22.47 -10.44
C VAL A 265 -2.28 21.14 -10.91
N ALA A 266 -0.99 21.20 -11.25
CA ALA A 266 -0.35 20.03 -11.86
C ALA A 266 -0.35 18.83 -10.92
N SER A 267 -0.15 19.06 -9.62
CA SER A 267 -0.12 17.95 -8.67
C SER A 267 -1.48 17.28 -8.56
N CYS A 268 -2.58 18.03 -8.68
CA CYS A 268 -3.90 17.43 -8.62
C CYS A 268 -4.10 16.43 -9.75
N ASP A 269 -3.62 16.75 -10.95
CA ASP A 269 -3.71 15.81 -12.06
C ASP A 269 -2.77 14.63 -11.84
N ALA A 270 -1.60 14.88 -11.24
CA ALA A 270 -0.68 13.78 -10.94
C ALA A 270 -1.26 12.83 -9.92
N ILE A 271 -1.96 13.36 -8.92
CA ILE A 271 -2.61 12.50 -7.92
C ILE A 271 -3.76 11.72 -8.55
N MET A 272 -4.58 12.40 -9.37
CA MET A 272 -5.70 11.72 -10.03
C MET A 272 -5.20 10.66 -11.01
N THR A 273 -4.10 10.94 -11.70
CA THR A 273 -3.55 9.98 -12.66
C THR A 273 -3.13 8.69 -11.97
N ARG A 274 -2.35 8.82 -10.88
CA ARG A 274 -1.95 7.64 -10.13
C ARG A 274 -3.14 6.96 -9.48
N CYS A 275 -4.09 7.74 -8.97
CA CYS A 275 -5.30 7.15 -8.38
C CYS A 275 -6.08 6.34 -9.40
N LEU A 276 -6.25 6.88 -10.61
CA LEU A 276 -6.94 6.15 -11.66
C LEU A 276 -6.20 4.87 -12.02
N ALA A 277 -4.86 4.91 -11.98
CA ALA A 277 -4.07 3.73 -12.29
C ALA A 277 -4.24 2.65 -11.23
N VAL A 278 -4.26 3.04 -9.95
CA VAL A 278 -4.43 2.07 -8.88
C VAL A 278 -5.79 1.40 -8.99
N HIS A 279 -6.82 2.15 -9.37
CA HIS A 279 -8.17 1.58 -9.49
C HIS A 279 -8.22 0.55 -10.62
N GLU A 280 -7.55 0.81 -11.73
CA GLU A 280 -7.60 -0.11 -12.86
C GLU A 280 -6.79 -1.38 -12.59
N CYS A 281 -5.76 -1.28 -11.74
CA CYS A 281 -4.85 -2.39 -11.52
C CYS A 281 -5.06 -3.11 -10.20
N PHE A 282 -5.76 -2.50 -9.24
CA PHE A 282 -5.93 -3.09 -7.92
C PHE A 282 -7.35 -3.03 -7.39
N VAL A 283 -8.27 -2.37 -8.08
CA VAL A 283 -9.68 -2.35 -7.70
C VAL A 283 -10.53 -3.05 -8.75
N LYS A 284 -10.54 -2.53 -9.98
CA LYS A 284 -11.28 -3.19 -11.05
C LYS A 284 -10.72 -4.58 -11.35
N ARG A 285 -9.40 -4.70 -11.41
CA ARG A 285 -8.72 -5.98 -11.61
C ARG A 285 -7.86 -6.29 -10.39
N VAL A 286 -7.87 -7.55 -9.98
CA VAL A 286 -7.11 -8.01 -8.81
C VAL A 286 -6.28 -9.21 -9.22
N ASP A 287 -5.03 -9.24 -8.76
CA ASP A 287 -4.11 -10.34 -9.03
C ASP A 287 -3.40 -10.70 -7.73
N TRP A 288 -3.86 -11.77 -7.08
CA TRP A 288 -3.26 -12.24 -5.84
C TRP A 288 -2.09 -13.17 -6.06
N THR A 289 -1.73 -13.47 -7.31
CA THR A 289 -0.59 -14.32 -7.59
C THR A 289 0.72 -13.56 -7.56
N ILE A 290 0.68 -12.23 -7.67
CA ILE A 290 1.89 -11.42 -7.70
C ILE A 290 2.43 -11.29 -6.29
N GLU A 291 3.68 -11.72 -6.10
CA GLU A 291 4.36 -11.58 -4.82
C GLU A 291 5.17 -10.29 -4.81
N TYR A 292 5.28 -9.69 -3.63
CA TYR A 292 6.05 -8.47 -3.51
C TYR A 292 7.19 -8.65 -2.51
N PRO A 293 8.35 -8.05 -2.77
CA PRO A 293 9.50 -8.27 -1.89
C PRO A 293 9.29 -7.71 -0.49
N ILE A 294 10.11 -8.19 0.43
CA ILE A 294 10.06 -7.75 1.82
C ILE A 294 10.88 -6.47 1.96
N ILE A 295 10.24 -5.42 2.47
CA ILE A 295 10.87 -4.12 2.64
C ILE A 295 10.79 -3.60 4.07
N GLY A 296 10.14 -4.33 4.97
CA GLY A 296 10.02 -3.88 6.35
C GLY A 296 9.74 -5.01 7.31
N ASP A 297 8.81 -4.80 8.23
CA ASP A 297 8.44 -5.81 9.22
C ASP A 297 7.30 -6.69 8.75
N GLU A 298 7.26 -7.05 7.47
CA GLU A 298 6.16 -7.86 6.95
C GLU A 298 6.02 -9.16 7.73
N LEU A 299 7.13 -9.86 7.96
CA LEU A 299 7.05 -11.18 8.58
C LEU A 299 6.60 -11.09 10.04
N LYS A 300 7.13 -10.12 10.79
CA LYS A 300 6.73 -9.97 12.18
C LYS A 300 5.28 -9.52 12.30
N ILE A 301 4.84 -8.63 11.40
CA ILE A 301 3.47 -8.15 11.43
C ILE A 301 2.49 -9.28 11.13
N ASN A 302 2.77 -10.06 10.08
CA ASN A 302 1.92 -11.19 9.75
C ASN A 302 1.90 -12.22 10.87
N ALA A 303 3.07 -12.51 11.45
CA ALA A 303 3.13 -13.45 12.56
C ALA A 303 2.39 -12.90 13.78
N ALA A 304 2.49 -11.59 14.01
CA ALA A 304 1.79 -10.99 15.14
C ALA A 304 0.28 -11.05 14.95
N CYS A 305 -0.20 -10.86 13.71
CA CYS A 305 -1.63 -10.94 13.46
C CYS A 305 -2.15 -12.34 13.73
N ARG A 306 -1.40 -13.37 13.31
CA ARG A 306 -1.83 -14.74 13.59
C ARG A 306 -1.68 -15.08 15.06
N LYS A 307 -0.70 -14.48 15.75
CA LYS A 307 -0.54 -14.69 17.18
C LYS A 307 -1.70 -14.08 17.96
N VAL A 308 -2.13 -12.88 17.56
CA VAL A 308 -3.24 -12.21 18.24
C VAL A 308 -4.55 -12.92 17.95
N GLN A 309 -4.76 -13.33 16.70
CA GLN A 309 -6.02 -13.97 16.32
C GLN A 309 -6.27 -15.22 17.15
N HIS A 310 -5.25 -16.06 17.32
CA HIS A 310 -5.41 -17.26 18.14
C HIS A 310 -5.75 -16.90 19.58
N MET A 311 -5.12 -15.85 20.11
CA MET A 311 -5.36 -15.45 21.49
C MET A 311 -6.79 -14.94 21.66
N VAL A 312 -7.26 -14.09 20.75
CA VAL A 312 -8.55 -13.44 20.93
C VAL A 312 -9.69 -14.42 20.75
N VAL A 313 -9.63 -15.26 19.70
CA VAL A 313 -10.71 -16.18 19.43
C VAL A 313 -10.77 -17.27 20.50
N LYS A 314 -9.62 -17.75 20.97
CA LYS A 314 -9.61 -18.74 22.02
C LYS A 314 -10.20 -18.19 23.31
N ALA A 315 -9.86 -16.95 23.66
CA ALA A 315 -10.38 -16.35 24.89
C ALA A 315 -11.87 -16.09 24.79
N ALA A 316 -12.34 -15.65 23.62
CA ALA A 316 -13.78 -15.37 23.46
C ALA A 316 -14.60 -16.65 23.56
N LEU A 317 -14.06 -17.78 23.09
CA LEU A 317 -14.76 -19.05 23.23
C LEU A 317 -14.73 -19.55 24.67
N LEU A 318 -13.66 -19.25 25.41
CA LEU A 318 -13.60 -19.67 26.80
C LEU A 318 -14.48 -18.79 27.69
N ALA A 319 -14.54 -17.50 27.40
CA ALA A 319 -15.26 -16.57 28.25
C ALA A 319 -16.77 -16.65 28.05
N ASP A 320 -17.23 -16.93 26.83
CA ASP A 320 -18.66 -16.90 26.53
C ASP A 320 -19.22 -18.22 26.05
N LYS A 321 -18.37 -19.21 25.73
CA LYS A 321 -18.82 -20.58 25.44
C LYS A 321 -19.79 -20.62 24.26
N PHE A 322 -19.41 -19.97 23.18
CA PHE A 322 -20.24 -19.96 21.99
C PHE A 322 -20.37 -21.37 21.42
N PRO A 323 -21.58 -21.84 21.10
CA PRO A 323 -21.72 -23.18 20.52
C PRO A 323 -21.28 -23.23 19.06
N VAL A 324 -21.51 -22.14 18.33
CA VAL A 324 -21.19 -22.06 16.91
C VAL A 324 -20.26 -20.88 16.66
N LEU A 325 -19.40 -21.01 15.66
CA LEU A 325 -18.55 -19.92 15.22
C LEU A 325 -18.66 -19.82 13.70
N HIS A 326 -19.10 -18.67 13.21
CA HIS A 326 -19.23 -18.41 11.78
C HIS A 326 -17.98 -17.66 11.31
N ASP A 327 -17.04 -18.40 10.73
CA ASP A 327 -15.78 -17.83 10.25
C ASP A 327 -16.01 -17.30 8.84
N ILE A 328 -16.16 -15.98 8.72
CA ILE A 328 -16.51 -15.33 7.46
C ILE A 328 -15.27 -14.60 6.96
N GLY A 329 -14.77 -15.00 5.80
CA GLY A 329 -13.61 -14.36 5.23
C GLY A 329 -12.87 -15.17 4.19
N ASN A 330 -11.58 -15.36 4.40
CA ASN A 330 -10.72 -15.99 3.41
C ASN A 330 -11.23 -17.39 3.08
N PRO A 331 -11.46 -17.72 1.81
CA PRO A 331 -11.97 -19.06 1.47
C PRO A 331 -10.98 -20.19 1.75
N LYS A 332 -9.70 -19.87 1.98
CA LYS A 332 -8.70 -20.87 2.33
C LYS A 332 -8.32 -20.81 3.81
N ALA A 333 -9.21 -20.29 4.65
CA ALA A 333 -8.91 -20.12 6.06
C ALA A 333 -9.02 -21.46 6.80
N ILE A 334 -8.23 -21.58 7.86
CA ILE A 334 -8.26 -22.75 8.73
C ILE A 334 -8.57 -22.28 10.15
N LYS A 335 -8.97 -23.23 10.99
CA LYS A 335 -9.28 -22.92 12.38
C LYS A 335 -8.06 -22.32 13.08
N CYS A 336 -8.21 -21.08 13.57
CA CYS A 336 -7.15 -20.46 14.34
C CYS A 336 -7.08 -21.00 15.76
N VAL A 337 -8.15 -21.61 16.24
CA VAL A 337 -8.15 -22.32 17.51
C VAL A 337 -8.58 -23.76 17.23
N PRO A 338 -7.68 -24.62 16.75
CA PRO A 338 -8.09 -25.96 16.32
C PRO A 338 -8.45 -26.90 17.46
N GLN A 339 -8.15 -26.54 18.71
CA GLN A 339 -8.46 -27.38 19.85
C GLN A 339 -9.81 -27.06 20.49
N ALA A 340 -10.55 -26.11 19.93
CA ALA A 340 -11.78 -25.63 20.56
C ALA A 340 -12.93 -26.61 20.35
N ASP A 341 -13.87 -26.60 21.29
CA ASP A 341 -15.06 -27.44 21.22
C ASP A 341 -16.11 -26.90 20.26
N VAL A 342 -15.95 -25.67 19.78
CA VAL A 342 -17.01 -25.00 19.04
C VAL A 342 -17.20 -25.63 17.67
N GLU A 343 -18.43 -25.55 17.16
CA GLU A 343 -18.72 -25.98 15.79
C GLU A 343 -18.30 -24.88 14.82
N TRP A 344 -17.28 -25.16 14.02
CA TRP A 344 -16.65 -24.16 13.17
C TRP A 344 -17.21 -24.28 11.75
N LYS A 345 -17.88 -23.22 11.29
CA LYS A 345 -18.46 -23.17 9.96
C LYS A 345 -17.82 -22.04 9.17
N PHE A 346 -17.33 -22.38 7.97
CA PHE A 346 -16.62 -21.43 7.13
C PHE A 346 -17.53 -20.87 6.04
N TYR A 347 -17.24 -19.63 5.64
CA TYR A 347 -17.98 -18.95 4.57
C TYR A 347 -16.96 -18.24 3.69
N ASP A 348 -16.95 -18.57 2.41
CA ASP A 348 -15.94 -18.07 1.49
C ASP A 348 -16.26 -16.64 1.06
N ALA A 349 -15.25 -15.77 1.15
CA ALA A 349 -15.41 -14.38 0.70
C ALA A 349 -14.02 -13.81 0.46
N GLN A 350 -13.68 -13.55 -0.80
CA GLN A 350 -12.39 -13.00 -1.13
C GLN A 350 -12.27 -11.58 -0.57
N PRO A 351 -11.04 -11.11 -0.33
CA PRO A 351 -10.86 -9.73 0.15
C PRO A 351 -11.42 -8.73 -0.84
N CYS A 352 -12.38 -7.93 -0.37
CA CYS A 352 -12.98 -6.92 -1.22
C CYS A 352 -11.98 -5.79 -1.47
N SER A 353 -11.87 -5.37 -2.73
CA SER A 353 -10.94 -4.32 -3.12
C SER A 353 -11.60 -2.98 -3.41
N ASP A 354 -12.91 -2.97 -3.69
CA ASP A 354 -13.59 -1.72 -4.01
C ASP A 354 -14.30 -1.18 -2.78
N LYS A 355 -15.60 -1.48 -2.67
CA LYS A 355 -16.41 -1.07 -1.53
C LYS A 355 -16.52 -2.20 -0.53
N ALA A 356 -16.67 -1.83 0.75
CA ALA A 356 -16.84 -2.83 1.79
C ALA A 356 -18.13 -3.62 1.55
N TYR A 357 -18.08 -4.90 1.89
CA TYR A 357 -19.24 -5.77 1.67
C TYR A 357 -20.45 -5.25 2.43
N LYS A 358 -21.63 -5.48 1.85
CA LYS A 358 -22.87 -5.20 2.55
C LYS A 358 -23.23 -6.41 3.40
N ILE A 359 -23.41 -6.19 4.71
CA ILE A 359 -23.74 -7.30 5.60
C ILE A 359 -25.04 -7.96 5.18
N GLU A 360 -25.90 -7.26 4.45
CA GLU A 360 -27.13 -7.85 3.96
C GLU A 360 -26.86 -8.91 2.89
N GLU A 361 -25.94 -8.62 1.96
CA GLU A 361 -25.67 -9.57 0.89
C GLU A 361 -24.80 -10.73 1.34
N LEU A 362 -23.97 -10.53 2.37
CA LEU A 362 -23.17 -11.63 2.89
C LEU A 362 -24.04 -12.63 3.64
N PHE A 363 -24.98 -12.14 4.45
CA PHE A 363 -25.75 -12.99 5.34
C PHE A 363 -27.09 -13.41 4.73
N TYR A 364 -27.82 -12.46 4.16
CA TYR A 364 -29.24 -12.61 3.86
C TYR A 364 -29.44 -12.81 2.37
N SER A 365 -29.82 -14.03 1.97
CA SER A 365 -30.25 -14.35 0.61
C SER A 365 -30.79 -15.77 0.54
N HIS A 369 -26.05 -22.99 4.34
CA HIS A 369 -25.45 -22.47 5.56
C HIS A 369 -26.32 -22.77 6.77
N SER A 370 -25.79 -22.42 7.96
CA SER A 370 -26.66 -22.35 9.13
C SER A 370 -27.60 -21.16 9.03
N ASP A 371 -27.22 -20.13 8.26
CA ASP A 371 -28.04 -18.95 7.99
C ASP A 371 -28.34 -18.14 9.24
N LYS A 372 -28.44 -18.79 10.40
CA LYS A 372 -28.67 -18.11 11.66
C LYS A 372 -27.32 -17.61 12.18
N PHE A 373 -26.87 -16.50 11.61
CA PHE A 373 -25.64 -15.85 12.05
C PHE A 373 -25.77 -15.21 13.43
N THR A 374 -26.97 -15.17 13.99
CA THR A 374 -27.16 -14.72 15.36
C THR A 374 -26.79 -15.78 16.38
N ASP A 375 -26.64 -17.04 15.98
CA ASP A 375 -26.19 -18.08 16.89
C ASP A 375 -24.68 -18.06 17.00
N GLY A 376 -24.18 -18.11 18.24
CA GLY A 376 -22.75 -18.14 18.44
C GLY A 376 -22.11 -16.80 18.12
N VAL A 377 -20.91 -16.86 17.54
CA VAL A 377 -20.13 -15.68 17.24
C VAL A 377 -19.70 -15.73 15.78
N CYS A 378 -19.53 -14.55 15.19
CA CYS A 378 -19.04 -14.40 13.83
C CYS A 378 -17.66 -13.78 13.85
N LEU A 379 -16.76 -14.31 13.01
CA LEU A 379 -15.37 -13.87 12.97
C LEU A 379 -15.12 -13.17 11.63
N PHE A 380 -14.85 -11.87 11.69
CA PHE A 380 -14.51 -11.08 10.51
C PHE A 380 -13.06 -10.63 10.64
N TRP A 381 -12.13 -11.52 10.30
CA TRP A 381 -10.71 -11.20 10.34
C TRP A 381 -10.30 -10.67 8.97
N ASN A 382 -10.19 -9.35 8.85
CA ASN A 382 -9.88 -8.69 7.59
C ASN A 382 -10.93 -9.01 6.53
N CYS A 383 -12.19 -9.05 6.94
CA CYS A 383 -13.33 -9.19 6.05
C CYS A 383 -14.15 -7.92 6.21
N ASN A 384 -13.93 -6.96 5.31
CA ASN A 384 -14.47 -5.61 5.47
C ASN A 384 -15.93 -5.59 5.06
N VAL A 385 -16.82 -5.36 6.03
CA VAL A 385 -18.24 -5.18 5.77
C VAL A 385 -18.63 -3.77 6.17
N ASP A 386 -19.82 -3.35 5.72
CA ASP A 386 -20.27 -1.98 6.01
C ASP A 386 -20.70 -1.82 7.47
N ARG A 387 -21.23 -2.87 8.08
CA ARG A 387 -21.66 -2.80 9.48
C ARG A 387 -21.66 -4.21 10.06
N TYR A 388 -20.82 -4.43 11.07
CA TYR A 388 -20.68 -5.75 11.66
C TYR A 388 -21.81 -6.02 12.66
N PRO A 389 -22.34 -7.25 12.69
CA PRO A 389 -23.35 -7.59 13.70
C PRO A 389 -22.77 -7.52 15.11
N ALA A 390 -23.68 -7.49 16.08
CA ALA A 390 -23.27 -7.27 17.47
C ALA A 390 -22.45 -8.42 18.04
N ASN A 391 -22.57 -9.62 17.50
CA ASN A 391 -21.85 -10.79 18.01
C ASN A 391 -20.65 -11.12 17.12
N SER A 392 -19.72 -10.16 17.03
CA SER A 392 -18.63 -10.26 16.08
C SER A 392 -17.29 -10.11 16.78
N ILE A 393 -16.28 -10.72 16.16
CA ILE A 393 -14.87 -10.48 16.46
C ILE A 393 -14.24 -9.99 15.16
N VAL A 394 -13.72 -8.76 15.18
CA VAL A 394 -13.40 -8.04 13.95
C VAL A 394 -11.96 -7.55 14.00
N CYS A 395 -11.21 -7.82 12.93
CA CYS A 395 -9.93 -7.18 12.66
C CYS A 395 -10.07 -6.39 11.37
N ARG A 396 -9.93 -5.07 11.46
CA ARG A 396 -10.15 -4.18 10.32
C ARG A 396 -8.94 -3.28 10.15
N PHE A 397 -8.36 -3.29 8.96
CA PHE A 397 -7.19 -2.46 8.71
C PHE A 397 -7.60 -0.99 8.62
N ASP A 398 -6.85 -0.12 9.30
CA ASP A 398 -7.09 1.31 9.26
C ASP A 398 -6.33 1.89 8.07
N THR A 399 -7.07 2.31 7.04
CA THR A 399 -6.43 2.78 5.83
C THR A 399 -5.71 4.12 6.02
N ARG A 400 -5.97 4.82 7.12
CA ARG A 400 -5.37 6.11 7.36
C ARG A 400 -3.95 6.01 7.92
N VAL A 401 -3.51 4.82 8.31
CA VAL A 401 -2.23 4.68 8.98
C VAL A 401 -1.09 4.88 7.98
N LEU A 402 -0.10 5.68 8.37
CA LEU A 402 1.06 5.94 7.54
C LEU A 402 2.13 4.88 7.80
N SER A 403 2.52 4.17 6.75
CA SER A 403 3.58 3.17 6.83
C SER A 403 4.12 2.91 5.43
N ASN A 404 5.29 2.29 5.37
CA ASN A 404 5.91 1.95 4.09
C ASN A 404 5.18 0.83 3.37
N LEU A 405 4.39 0.02 4.09
CA LEU A 405 3.61 -1.03 3.45
C LEU A 405 2.27 -0.53 2.92
N ASN A 406 1.74 0.56 3.47
CA ASN A 406 0.43 1.08 3.08
C ASN A 406 0.62 2.27 2.17
N LEU A 407 0.18 2.14 0.90
CA LEU A 407 0.28 3.19 -0.10
C LEU A 407 -1.07 3.88 -0.28
N PRO A 408 -1.07 5.15 -0.68
CA PRO A 408 -2.35 5.86 -0.91
C PRO A 408 -3.18 5.16 -1.96
N GLY A 409 -4.49 5.07 -1.70
CA GLY A 409 -5.38 4.34 -2.58
C GLY A 409 -6.40 5.18 -3.32
N CYS A 410 -7.55 4.57 -3.64
N CYS A 410 -7.53 4.56 -3.66
CA CYS A 410 -8.58 5.19 -4.45
CA CYS A 410 -8.59 5.18 -4.45
C CYS A 410 -9.84 5.38 -3.61
C CYS A 410 -9.81 5.40 -3.57
N ASP A 411 -10.40 6.59 -3.66
CA ASP A 411 -11.64 6.93 -2.97
C ASP A 411 -11.56 6.62 -1.48
N GLY A 412 -10.52 7.18 -0.84
CA GLY A 412 -10.32 7.03 0.59
C GLY A 412 -9.63 5.75 1.01
N GLY A 413 -9.59 4.74 0.14
CA GLY A 413 -8.95 3.49 0.47
C GLY A 413 -7.44 3.60 0.42
N SER A 414 -6.78 2.46 0.63
CA SER A 414 -5.33 2.41 0.57
C SER A 414 -4.91 1.05 0.03
N LEU A 415 -3.69 0.98 -0.45
CA LEU A 415 -3.13 -0.23 -1.03
C LEU A 415 -2.09 -0.77 -0.05
N TYR A 416 -2.48 -1.76 0.75
CA TYR A 416 -1.60 -2.39 1.72
C TYR A 416 -0.85 -3.52 1.03
N VAL A 417 0.45 -3.35 0.83
CA VAL A 417 1.28 -4.30 0.11
C VAL A 417 2.14 -5.03 1.14
N ASN A 418 1.71 -6.23 1.51
CA ASN A 418 2.45 -7.11 2.42
C ASN A 418 2.41 -8.50 1.80
N LYS A 419 3.53 -8.93 1.22
CA LYS A 419 3.62 -10.15 0.40
C LYS A 419 2.73 -10.03 -0.84
N HIS A 420 1.46 -9.70 -0.66
CA HIS A 420 0.53 -9.44 -1.75
C HIS A 420 0.00 -8.02 -1.62
N ALA A 421 -0.70 -7.57 -2.67
CA ALA A 421 -1.28 -6.24 -2.71
C ALA A 421 -2.78 -6.34 -2.43
N PHE A 422 -3.22 -5.70 -1.35
CA PHE A 422 -4.63 -5.65 -0.98
C PHE A 422 -5.08 -4.20 -0.99
N HIS A 423 -5.89 -3.82 -1.97
CA HIS A 423 -6.55 -2.52 -1.92
C HIS A 423 -7.72 -2.61 -0.96
N THR A 424 -7.69 -1.80 0.11
CA THR A 424 -8.69 -1.90 1.16
C THR A 424 -9.65 -0.73 1.12
N PRO A 425 -10.95 -0.97 1.26
CA PRO A 425 -11.90 0.14 1.32
C PRO A 425 -11.61 1.07 2.48
N ALA A 426 -12.03 2.32 2.32
CA ALA A 426 -11.71 3.35 3.31
C ALA A 426 -12.23 2.96 4.69
N PHE A 427 -11.44 3.28 5.71
CA PHE A 427 -11.83 3.00 7.08
C PHE A 427 -13.04 3.85 7.46
N ASP A 428 -14.05 3.20 8.04
CA ASP A 428 -15.28 3.86 8.44
C ASP A 428 -15.57 3.51 9.90
N LYS A 429 -15.59 4.53 10.76
CA LYS A 429 -15.85 4.30 12.18
C LYS A 429 -17.27 3.79 12.42
N SER A 430 -18.21 4.16 11.56
CA SER A 430 -19.60 3.77 11.74
C SER A 430 -19.83 2.28 11.58
N ALA A 431 -18.85 1.54 11.05
CA ALA A 431 -19.02 0.11 10.86
C ALA A 431 -18.98 -0.66 12.17
N PHE A 432 -18.49 -0.05 13.25
CA PHE A 432 -18.29 -0.72 14.53
C PHE A 432 -19.23 -0.19 15.61
N VAL A 433 -20.40 0.33 15.22
CA VAL A 433 -21.31 0.90 16.21
C VAL A 433 -21.87 -0.18 17.14
N ASN A 434 -21.99 -1.41 16.64
CA ASN A 434 -22.51 -2.50 17.45
C ASN A 434 -21.43 -3.17 18.30
N LEU A 435 -20.18 -2.78 18.16
CA LEU A 435 -19.06 -3.41 18.84
C LEU A 435 -18.30 -2.37 19.66
N LYS A 436 -17.31 -2.86 20.40
CA LYS A 436 -16.42 -2.01 21.18
C LYS A 436 -14.98 -2.34 20.80
N GLN A 437 -14.07 -1.42 21.11
CA GLN A 437 -12.66 -1.69 20.88
C GLN A 437 -12.19 -2.82 21.79
N LEU A 438 -11.38 -3.70 21.23
CA LEU A 438 -10.87 -4.84 22.00
C LEU A 438 -9.68 -4.39 22.83
N PRO A 439 -9.79 -4.43 24.15
CA PRO A 439 -8.65 -4.05 25.00
C PRO A 439 -7.57 -5.12 24.96
N PHE A 440 -6.34 -4.69 25.25
CA PHE A 440 -5.24 -5.63 25.31
C PHE A 440 -5.38 -6.54 26.52
N PHE A 441 -5.00 -7.81 26.34
CA PHE A 441 -4.97 -8.77 27.42
C PHE A 441 -4.11 -9.95 26.97
N TYR A 442 -3.61 -10.69 27.94
CA TYR A 442 -2.84 -11.91 27.70
C TYR A 442 -3.42 -13.02 28.55
N TYR A 443 -3.92 -14.06 27.90
CA TYR A 443 -4.44 -15.24 28.59
C TYR A 443 -3.56 -16.44 28.30
N SER A 444 -3.38 -17.30 29.30
CA SER A 444 -2.58 -18.50 29.12
C SER A 444 -2.99 -19.54 30.15
N ASP A 445 -3.32 -20.74 29.68
CA ASP A 445 -3.60 -21.88 30.53
C ASP A 445 -2.46 -22.88 30.56
N SER A 446 -1.32 -22.54 29.94
CA SER A 446 -0.17 -23.41 29.91
C SER A 446 0.42 -23.57 31.32
N PRO A 447 1.17 -24.65 31.54
CA PRO A 447 1.76 -24.88 32.86
C PRO A 447 2.78 -23.83 33.19
N CYS A 448 2.73 -23.34 34.43
CA CYS A 448 3.62 -22.26 34.83
C CYS A 448 5.05 -22.76 34.98
N GLU A 449 5.68 -23.16 33.89
CA GLU A 449 6.98 -23.79 33.97
C GLU A 449 7.92 -23.17 32.96
N SER A 450 9.08 -22.72 33.45
CA SER A 450 10.13 -22.13 32.64
C SER A 450 11.12 -23.22 32.23
N HIS A 451 11.42 -23.29 30.93
CA HIS A 451 12.35 -24.28 30.39
C HIS A 451 13.37 -23.55 29.53
N GLY A 452 14.66 -23.76 29.81
CA GLY A 452 15.71 -23.13 29.04
C GLY A 452 16.57 -22.18 29.83
N ILE A 459 17.85 -14.10 27.99
CA ILE A 459 16.69 -13.70 28.78
C ILE A 459 17.10 -13.37 30.20
N ASP A 460 16.59 -12.25 30.71
CA ASP A 460 16.79 -11.86 32.11
C ASP A 460 15.48 -11.30 32.64
N TYR A 461 15.13 -11.72 33.86
CA TYR A 461 13.77 -11.56 34.37
C TYR A 461 13.68 -10.37 35.32
N VAL A 462 12.97 -9.33 34.89
CA VAL A 462 12.45 -8.31 35.79
C VAL A 462 11.04 -8.71 36.17
N PRO A 463 10.71 -8.82 37.45
CA PRO A 463 9.40 -9.36 37.85
C PRO A 463 8.25 -8.59 37.21
N LEU A 464 7.29 -9.35 36.67
CA LEU A 464 6.17 -8.77 35.93
C LEU A 464 4.99 -8.52 36.84
N LYS A 465 4.44 -7.31 36.78
CA LYS A 465 3.20 -6.95 37.45
C LYS A 465 2.27 -6.38 36.40
N SER A 466 1.14 -7.03 36.18
CA SER A 466 0.19 -6.61 35.15
C SER A 466 -1.18 -7.16 35.48
N ALA A 467 -2.20 -6.30 35.43
CA ALA A 467 -3.58 -6.72 35.63
C ALA A 467 -4.15 -7.45 34.43
N THR A 468 -3.48 -7.40 33.28
CA THR A 468 -3.96 -8.03 32.06
C THR A 468 -3.25 -9.34 31.75
N CYS A 469 -2.49 -9.89 32.70
CA CYS A 469 -1.82 -11.17 32.53
C CYS A 469 -2.73 -12.23 33.16
N ILE A 470 -3.63 -12.79 32.34
CA ILE A 470 -4.60 -13.76 32.83
C ILE A 470 -3.93 -15.14 32.89
N THR A 471 -3.31 -15.45 34.02
CA THR A 471 -2.65 -16.74 34.22
C THR A 471 -2.91 -17.21 35.65
N ARG A 472 -2.61 -18.49 35.88
CA ARG A 472 -2.77 -19.03 37.23
C ARG A 472 -1.81 -18.38 38.20
N CYS A 473 -0.57 -18.14 37.77
CA CYS A 473 0.42 -17.51 38.64
C CYS A 473 -0.02 -16.11 39.05
N ASN A 474 -0.59 -15.34 38.12
CA ASN A 474 -1.11 -14.02 38.46
C ASN A 474 -2.36 -14.13 39.32
N LEU A 475 -3.18 -15.17 39.11
CA LEU A 475 -4.28 -15.43 40.02
C LEU A 475 -3.77 -15.72 41.42
N GLY A 476 -2.63 -16.39 41.52
CA GLY A 476 -1.98 -16.69 42.78
C GLY A 476 -1.16 -15.57 43.38
N GLY A 477 -1.05 -14.43 42.70
CA GLY A 477 -0.40 -13.26 43.26
C GLY A 477 1.02 -12.99 42.79
N ALA A 478 1.59 -13.85 41.94
CA ALA A 478 2.97 -13.65 41.49
C ALA A 478 3.14 -14.32 40.13
N VAL A 479 3.38 -13.52 39.09
CA VAL A 479 3.53 -14.07 37.75
C VAL A 479 4.85 -14.81 37.63
N CYS A 480 4.79 -16.03 37.13
CA CYS A 480 6.01 -16.82 36.96
C CYS A 480 6.86 -16.25 35.82
N ARG A 481 8.08 -16.76 35.69
CA ARG A 481 9.00 -16.24 34.68
C ARG A 481 8.58 -16.65 33.28
N HIS A 482 8.03 -17.87 33.13
CA HIS A 482 7.61 -18.34 31.83
C HIS A 482 6.48 -17.49 31.26
N HIS A 483 5.40 -17.33 32.02
CA HIS A 483 4.28 -16.53 31.56
C HIS A 483 4.62 -15.05 31.48
N ALA A 484 5.66 -14.60 32.20
CA ALA A 484 6.12 -13.22 32.05
C ALA A 484 6.84 -13.02 30.73
N ASN A 485 7.65 -14.00 30.32
CA ASN A 485 8.29 -13.92 29.01
C ASN A 485 7.26 -13.90 27.90
N GLU A 486 6.29 -14.83 27.96
CA GLU A 486 5.27 -14.90 26.92
C GLU A 486 4.36 -13.67 26.93
N TYR A 487 4.11 -13.10 28.10
CA TYR A 487 3.36 -11.84 28.17
C TYR A 487 4.09 -10.74 27.42
N ARG A 488 5.36 -10.53 27.73
CA ARG A 488 6.11 -9.46 27.08
C ARG A 488 6.35 -9.75 25.61
N LEU A 489 6.41 -11.03 25.22
CA LEU A 489 6.51 -11.36 23.81
C LEU A 489 5.19 -11.08 23.09
N TYR A 490 4.06 -11.41 23.73
CA TYR A 490 2.77 -11.17 23.12
C TYR A 490 2.46 -9.67 23.07
N LEU A 491 2.88 -8.92 24.09
CA LEU A 491 2.68 -7.48 24.07
C LEU A 491 3.46 -6.83 22.94
N ASP A 492 4.67 -7.32 22.67
CA ASP A 492 5.45 -6.81 21.54
C ASP A 492 4.75 -7.12 20.22
N ALA A 493 4.19 -8.32 20.10
CA ALA A 493 3.45 -8.67 18.88
C ALA A 493 2.17 -7.86 18.77
N TYR A 494 1.48 -7.64 19.89
CA TYR A 494 0.26 -6.85 19.87
C TYR A 494 0.54 -5.41 19.43
N ASN A 495 1.54 -4.78 20.04
CA ASN A 495 1.89 -3.42 19.64
C ASN A 495 2.41 -3.36 18.22
N MET A 496 3.06 -4.43 17.75
CA MET A 496 3.50 -4.49 16.36
C MET A 496 2.30 -4.51 15.42
N MET A 497 1.26 -5.26 15.77
CA MET A 497 0.09 -5.36 14.92
C MET A 497 -0.70 -4.06 14.90
N ILE A 498 -0.88 -3.43 16.06
CA ILE A 498 -1.66 -2.21 16.14
C ILE A 498 -0.97 -1.07 15.41
N SER A 499 0.34 -0.93 15.59
CA SER A 499 1.07 0.13 14.89
C SER A 499 1.07 -0.08 13.38
N ALA A 500 0.97 -1.32 12.92
CA ALA A 500 0.94 -1.59 11.49
C ALA A 500 -0.35 -1.13 10.83
N GLY A 501 -1.39 -0.81 11.60
CA GLY A 501 -2.63 -0.30 11.06
C GLY A 501 -3.86 -1.15 11.34
N PHE A 502 -3.74 -2.29 12.00
CA PHE A 502 -4.88 -3.15 12.25
C PHE A 502 -5.58 -2.75 13.55
N SER A 503 -6.91 -2.73 13.51
CA SER A 503 -7.73 -2.44 14.67
C SER A 503 -8.52 -3.69 15.05
N LEU A 504 -8.78 -3.85 16.34
CA LEU A 504 -9.49 -5.02 16.87
C LEU A 504 -10.77 -4.57 17.56
N TRP A 505 -11.86 -5.27 17.27
CA TRP A 505 -13.17 -4.95 17.82
C TRP A 505 -13.85 -6.24 18.24
N VAL A 506 -14.69 -6.16 19.27
CA VAL A 506 -15.32 -7.34 19.87
C VAL A 506 -16.73 -6.97 20.33
N TYR A 507 -17.56 -7.99 20.52
CA TYR A 507 -18.89 -7.78 21.07
C TYR A 507 -18.81 -7.18 22.46
N LYS A 508 -19.83 -6.38 22.81
CA LYS A 508 -19.76 -5.58 24.03
C LYS A 508 -19.83 -6.43 25.29
N GLN A 509 -20.36 -7.65 25.21
CA GLN A 509 -20.42 -8.53 26.37
C GLN A 509 -19.07 -9.15 26.72
N PHE A 510 -18.05 -8.98 25.89
CA PHE A 510 -16.75 -9.58 26.15
C PHE A 510 -16.14 -8.97 27.40
N ASP A 511 -15.72 -9.84 28.32
CA ASP A 511 -15.13 -9.39 29.58
C ASP A 511 -14.04 -10.36 29.97
N THR A 512 -12.81 -9.87 30.09
CA THR A 512 -11.69 -10.72 30.47
C THR A 512 -11.82 -11.25 31.90
N TYR A 513 -12.73 -10.70 32.69
CA TYR A 513 -12.95 -11.19 34.04
C TYR A 513 -13.53 -12.60 34.06
N ASN A 514 -14.18 -13.01 32.98
CA ASN A 514 -14.71 -14.37 32.88
C ASN A 514 -13.63 -15.41 32.62
N LEU A 515 -12.40 -14.99 32.31
CA LEU A 515 -11.34 -15.94 32.03
C LEU A 515 -10.64 -16.45 33.28
N TRP A 516 -10.75 -15.72 34.40
CA TRP A 516 -10.11 -16.18 35.63
C TRP A 516 -10.71 -17.51 36.11
N ASN A 517 -11.97 -17.77 35.78
CA ASN A 517 -12.67 -18.95 36.28
C ASN A 517 -12.28 -20.24 35.57
N THR A 518 -11.57 -20.16 34.45
CA THR A 518 -11.07 -21.36 33.79
C THR A 518 -9.90 -21.98 34.52
N PHE A 519 -9.47 -21.38 35.64
CA PHE A 519 -8.42 -21.92 36.49
C PHE A 519 -9.09 -22.44 37.76
N THR A 520 -9.76 -23.57 37.63
CA THR A 520 -10.54 -24.13 38.74
C THR A 520 -10.51 -25.66 38.74
#